data_8EKJ
#
_entry.id   8EKJ
#
_cell.length_a   42.720
_cell.length_b   60.027
_cell.length_c   44.627
_cell.angle_alpha   90.000
_cell.angle_beta   116.234
_cell.angle_gamma   90.000
#
_symmetry.space_group_name_H-M   'P 1 21 1'
#
loop_
_entity.id
_entity.type
_entity.pdbx_description
1 polymer "DNA (5'-D(*AP*AP*TP*AP*AP*AP*TP*GP*GP*AP*AP*GP*TP*GP*GP*G)-3')"
2 polymer "DNA (5'-D(*TP*CP*CP*CP*AP*CP*TP*TP*CP*CP*AP*TP*TP*TP*AP*T)-3')"
3 polymer 'Transcription factor PU.1'
4 water water
#
loop_
_entity_poly.entity_id
_entity_poly.type
_entity_poly.pdbx_seq_one_letter_code
_entity_poly.pdbx_strand_id
1 'polydeoxyribonucleotide' (DA)(DA)(DT)(DA)(DA)(DA)(DT)(DG)(DG)(DA)(DA)(DG)(DT)(DG)(DG)(DG) C
2 'polydeoxyribonucleotide' (DT)(DC)(DC)(DC)(DA)(DC)(DT)(DT)(DC)(DC)(DA)(DT)(DT)(DT)(DA)(DT) D
3 'polypeptide(L)'
;GSKKKIRLYQFLLDLLRSGDMKDSIWWVDKDKGTFQFSSKHKEALAHRWGIQKGNRKKMTYQKMARALRNYGKTGEVKKV
KKKLTYQFSGEVLGRGGLAERRHPPH
;
F
#
# COMPACT_ATOMS: atom_id res chain seq x y z
N LYS C 5 4.00 -0.90 -16.23
CA LYS C 5 2.75 -0.67 -15.51
C LYS C 5 2.81 -1.28 -14.11
N ILE C 6 3.35 -0.53 -13.15
CA ILE C 6 3.65 -1.08 -11.84
C ILE C 6 2.38 -1.53 -11.15
N ARG C 7 2.46 -2.64 -10.42
CA ARG C 7 1.31 -3.14 -9.66
C ARG C 7 1.23 -2.44 -8.31
N LEU C 8 0.00 -2.32 -7.79
CA LEU C 8 -0.20 -1.55 -6.57
C LEU C 8 0.61 -2.11 -5.42
N TYR C 9 0.68 -3.44 -5.28
CA TYR C 9 1.44 -3.92 -4.13
C TYR C 9 2.92 -3.58 -4.28
N GLN C 10 3.43 -3.52 -5.50
CA GLN C 10 4.83 -3.18 -5.70
C GLN C 10 5.08 -1.71 -5.43
N PHE C 11 4.15 -0.85 -5.85
CA PHE C 11 4.24 0.58 -5.53
C PHE C 11 4.37 0.80 -4.03
N LEU C 12 3.56 0.09 -3.25
CA LEU C 12 3.59 0.23 -1.82
C LEU C 12 4.87 -0.32 -1.22
N LEU C 13 5.30 -1.49 -1.69
CA LEU C 13 6.55 -2.06 -1.18
C LEU C 13 7.72 -1.14 -1.50
N ASP C 14 7.73 -0.57 -2.70
CA ASP C 14 8.79 0.34 -3.12
C ASP C 14 8.82 1.58 -2.24
N LEU C 15 7.64 2.10 -1.89
CA LEU C 15 7.57 3.25 -1.00
C LEU C 15 8.14 2.91 0.37
N LEU C 16 7.78 1.75 0.90
CA LEU C 16 8.28 1.37 2.22
C LEU C 16 9.79 1.20 2.18
N ARG C 17 10.34 0.72 1.06
CA ARG C 17 11.78 0.59 0.95
CA ARG C 17 11.78 0.59 0.95
C ARG C 17 12.46 1.96 0.92
N SER C 18 11.93 2.88 0.11
CA SER C 18 12.59 4.16 -0.10
C SER C 18 12.42 5.10 1.09
N GLY C 19 11.33 5.00 1.83
CA GLY C 19 11.03 5.95 2.87
C GLY C 19 10.51 7.29 2.39
N ASP C 20 10.09 7.40 1.12
CA ASP C 20 9.80 8.72 0.55
C ASP C 20 8.54 9.34 1.12
N MET C 21 7.60 8.52 1.61
CA MET C 21 6.39 9.03 2.23
C MET C 21 6.24 8.42 3.63
N LYS C 22 7.28 8.57 4.46
CA LYS C 22 7.30 7.91 5.75
C LYS C 22 6.19 8.39 6.69
N ASP C 23 5.61 9.56 6.44
CA ASP C 23 4.51 10.07 7.25
C ASP C 23 3.16 9.59 6.76
N SER C 24 3.11 8.88 5.62
CA SER C 24 1.88 8.30 5.13
C SER C 24 1.81 6.79 5.28
N ILE C 25 2.95 6.09 5.34
CA ILE C 25 2.97 4.64 5.39
C ILE C 25 4.23 4.20 6.13
N TRP C 26 4.11 3.09 6.85
CA TRP C 26 5.25 2.62 7.63
C TRP C 26 5.10 1.14 7.90
N TRP C 27 6.24 0.48 8.15
CA TRP C 27 6.20 -0.89 8.61
C TRP C 27 5.74 -0.93 10.04
N VAL C 28 4.95 -1.95 10.36
CA VAL C 28 4.67 -2.30 11.73
C VAL C 28 5.62 -3.38 12.19
N ASP C 29 5.69 -4.47 11.46
CA ASP C 29 6.71 -5.50 11.68
C ASP C 29 7.23 -5.89 10.29
N LYS C 30 8.38 -5.34 9.92
CA LYS C 30 8.82 -5.54 8.54
C LYS C 30 9.14 -6.99 8.27
N ASP C 31 9.60 -7.73 9.29
CA ASP C 31 9.93 -9.13 9.09
C ASP C 31 8.70 -9.93 8.72
N LYS C 32 7.55 -9.57 9.31
CA LYS C 32 6.27 -10.19 8.99
C LYS C 32 5.61 -9.57 7.78
N GLY C 33 6.12 -8.46 7.30
CA GLY C 33 5.50 -7.77 6.20
C GLY C 33 4.25 -6.99 6.55
N THR C 34 4.07 -6.61 7.81
CA THR C 34 2.89 -5.85 8.20
C THR C 34 3.22 -4.35 8.12
N PHE C 35 2.27 -3.60 7.57
CA PHE C 35 2.46 -2.18 7.35
C PHE C 35 1.15 -1.45 7.56
N GLN C 36 1.25 -0.15 7.78
CA GLN C 36 0.10 0.64 8.22
C GLN C 36 0.12 1.99 7.55
N PHE C 37 -1.05 2.47 7.17
CA PHE C 37 -1.20 3.82 6.66
C PHE C 37 -1.55 4.80 7.75
N SER C 38 -1.14 6.06 7.50
CA SER C 38 -1.50 7.19 8.33
C SER C 38 -2.94 7.61 8.11
N SER C 39 -3.70 7.72 9.19
CA SER C 39 -5.07 8.21 9.08
C SER C 39 -5.10 9.59 8.42
N LYS C 40 -4.27 10.51 8.90
CA LYS C 40 -4.32 11.86 8.38
C LYS C 40 -3.56 12.06 7.07
N HIS C 41 -2.60 11.20 6.71
CA HIS C 41 -1.75 11.48 5.56
C HIS C 41 -1.82 10.42 4.47
N LYS C 42 -2.78 9.51 4.53
CA LYS C 42 -2.86 8.47 3.52
C LYS C 42 -3.36 9.01 2.18
N GLU C 43 -4.18 10.06 2.19
CA GLU C 43 -4.68 10.53 0.90
C GLU C 43 -3.55 11.03 0.01
N ALA C 44 -2.53 11.66 0.58
CA ALA C 44 -1.42 12.12 -0.27
C ALA C 44 -0.77 10.94 -0.99
N LEU C 45 -0.68 9.80 -0.32
CA LEU C 45 -0.09 8.61 -0.93
C LEU C 45 -1.03 8.05 -2.00
N ALA C 46 -2.32 7.98 -1.69
CA ALA C 46 -3.30 7.59 -2.70
C ALA C 46 -3.20 8.49 -3.92
N HIS C 47 -3.05 9.78 -3.72
CA HIS C 47 -2.96 10.68 -4.88
C HIS C 47 -1.78 10.32 -5.75
N ARG C 48 -0.66 10.00 -5.12
CA ARG C 48 0.55 9.65 -5.86
CA ARG C 48 0.55 9.66 -5.86
C ARG C 48 0.35 8.38 -6.67
N TRP C 49 -0.37 7.42 -6.12
CA TRP C 49 -0.63 6.18 -6.85
C TRP C 49 -1.41 6.49 -8.14
N GLY C 50 -2.47 7.31 -8.03
CA GLY C 50 -3.25 7.65 -9.21
C GLY C 50 -2.43 8.37 -10.26
N ILE C 51 -1.55 9.26 -9.83
CA ILE C 51 -0.76 10.00 -10.81
C ILE C 51 0.27 9.09 -11.46
N GLN C 52 0.86 8.17 -10.70
CA GLN C 52 1.78 7.20 -11.28
C GLN C 52 1.08 6.34 -12.33
N LYS C 53 -0.17 5.97 -12.07
CA LYS C 53 -0.94 5.16 -13.01
C LYS C 53 -1.48 5.96 -14.18
N GLY C 54 -1.54 7.28 -14.07
CA GLY C 54 -2.17 8.08 -15.11
C GLY C 54 -3.66 7.86 -15.22
N ASN C 55 -4.33 7.56 -14.11
CA ASN C 55 -5.77 7.31 -14.15
C ASN C 55 -6.52 8.58 -14.51
N ARG C 56 -7.75 8.39 -15.02
CA ARG C 56 -8.57 9.53 -15.40
C ARG C 56 -8.95 10.39 -14.22
N LYS C 57 -9.39 9.77 -13.12
CA LYS C 57 -9.86 10.49 -11.95
C LYS C 57 -8.76 10.58 -10.89
N LYS C 58 -8.93 11.53 -9.99
CA LYS C 58 -8.10 11.60 -8.80
C LYS C 58 -8.27 10.33 -8.00
N MET C 59 -7.15 9.74 -7.59
CA MET C 59 -7.20 8.54 -6.75
C MET C 59 -7.47 8.95 -5.31
N THR C 60 -8.27 8.15 -4.63
CA THR C 60 -8.54 8.32 -3.21
C THR C 60 -8.07 7.10 -2.45
N TYR C 61 -7.85 7.28 -1.15
CA TYR C 61 -7.50 6.12 -0.36
C TYR C 61 -8.58 5.05 -0.46
N GLN C 62 -9.85 5.44 -0.43
CA GLN C 62 -10.92 4.44 -0.49
C GLN C 62 -10.80 3.60 -1.76
N LYS C 63 -10.57 4.25 -2.90
CA LYS C 63 -10.43 3.47 -4.12
C LYS C 63 -9.18 2.61 -4.10
N MET C 64 -8.09 3.14 -3.55
CA MET C 64 -6.85 2.35 -3.47
C MET C 64 -7.05 1.16 -2.53
N ALA C 65 -7.76 1.36 -1.43
CA ALA C 65 -8.08 0.27 -0.51
C ALA C 65 -9.03 -0.73 -1.15
N ARG C 66 -9.90 -0.30 -2.07
CA ARG C 66 -10.76 -1.23 -2.78
C ARG C 66 -9.95 -2.16 -3.67
N ALA C 67 -8.95 -1.61 -4.33
CA ALA C 67 -8.01 -2.42 -5.06
C ALA C 67 -7.26 -3.37 -4.14
N LEU C 68 -6.78 -2.89 -2.99
CA LEU C 68 -6.07 -3.77 -2.07
C LEU C 68 -6.92 -4.95 -1.65
N ARG C 69 -8.20 -4.70 -1.41
CA ARG C 69 -9.10 -5.79 -1.02
C ARG C 69 -9.03 -6.96 -2.00
N ASN C 70 -8.88 -6.69 -3.31
CA ASN C 70 -8.86 -7.79 -4.27
C ASN C 70 -7.64 -8.68 -4.17
N TYR C 71 -6.60 -8.24 -3.47
CA TYR C 71 -5.47 -9.09 -3.22
C TYR C 71 -5.72 -10.09 -2.11
N GLY C 72 -6.78 -9.91 -1.31
CA GLY C 72 -7.01 -10.83 -0.19
C GLY C 72 -7.10 -12.28 -0.65
N LYS C 73 -7.83 -12.54 -1.73
CA LYS C 73 -8.05 -13.92 -2.16
C LYS C 73 -6.79 -14.51 -2.77
N THR C 74 -6.10 -13.76 -3.62
CA THR C 74 -4.91 -14.29 -4.27
C THR C 74 -3.70 -14.29 -3.35
N GLY C 75 -3.67 -13.40 -2.36
CA GLY C 75 -2.74 -13.51 -1.25
C GLY C 75 -1.65 -12.47 -1.16
N GLU C 76 -1.49 -11.58 -2.16
CA GLU C 76 -0.34 -10.67 -2.16
C GLU C 76 -0.37 -9.75 -0.96
N VAL C 77 -1.57 -9.34 -0.56
CA VAL C 77 -1.79 -8.40 0.53
C VAL C 77 -3.07 -8.80 1.25
N LYS C 78 -2.98 -8.96 2.56
CA LYS C 78 -4.16 -9.28 3.35
C LYS C 78 -4.39 -8.18 4.37
N LYS C 79 -5.66 -7.92 4.66
CA LYS C 79 -6.01 -6.95 5.66
C LYS C 79 -5.83 -7.57 7.04
N VAL C 80 -5.17 -6.83 7.91
CA VAL C 80 -4.93 -7.19 9.30
C VAL C 80 -6.01 -6.54 10.15
N LYS C 81 -6.28 -7.12 11.34
CA LYS C 81 -7.42 -6.67 12.13
C LYS C 81 -7.13 -5.41 12.94
N LYS C 82 -6.15 -4.60 12.54
CA LYS C 82 -5.95 -3.27 13.07
C LYS C 82 -6.28 -2.24 11.99
N LYS C 83 -6.71 -1.06 12.40
CA LYS C 83 -7.13 -0.05 11.45
C LYS C 83 -6.00 0.27 10.46
N LEU C 84 -6.35 0.34 9.17
CA LEU C 84 -5.44 0.81 8.12
C LEU C 84 -4.18 -0.08 8.01
N THR C 85 -4.26 -1.33 8.46
CA THR C 85 -3.10 -2.20 8.54
C THR C 85 -3.27 -3.41 7.63
N TYR C 86 -2.19 -3.76 6.92
CA TYR C 86 -2.15 -4.81 5.93
C TYR C 86 -0.89 -5.63 6.09
N GLN C 87 -0.82 -6.75 5.36
CA GLN C 87 0.34 -7.63 5.42
C GLN C 87 0.65 -8.18 4.04
N PHE C 88 1.87 -7.98 3.58
CA PHE C 88 2.35 -8.59 2.35
C PHE C 88 2.62 -10.09 2.54
N SER C 89 2.41 -10.85 1.47
CA SER C 89 2.80 -12.25 1.50
C SER C 89 4.32 -12.41 1.50
N GLY C 90 4.77 -13.59 1.95
CA GLY C 90 6.18 -13.91 1.85
C GLY C 90 6.68 -13.87 0.43
N GLU C 91 5.83 -14.26 -0.53
CA GLU C 91 6.23 -14.25 -1.94
C GLU C 91 6.48 -12.83 -2.41
N VAL C 92 5.57 -11.91 -2.10
CA VAL C 92 5.77 -10.50 -2.47
C VAL C 92 7.02 -9.95 -1.81
N LEU C 93 7.24 -10.26 -0.53
CA LEU C 93 8.41 -9.71 0.15
C LEU C 93 9.70 -10.23 -0.47
N GLY C 94 9.69 -11.49 -0.89
CA GLY C 94 10.90 -12.09 -1.46
C GLY C 94 11.30 -11.47 -2.78
N ARG C 95 10.33 -11.08 -3.59
CA ARG C 95 10.60 -10.40 -4.85
C ARG C 95 10.95 -8.93 -4.60
#